data_2W87
#
_entry.id   2W87
#
_cell.length_a   27.850
_cell.length_b   45.450
_cell.length_c   48.910
_cell.angle_alpha   71.79
_cell.angle_beta   89.74
_cell.angle_gamma   81.28
#
_symmetry.space_group_name_H-M   'P 1'
#
loop_
_entity.id
_entity.type
_entity.pdbx_description
1 polymer 'ESTERASE D'
2 non-polymer 'CALCIUM ION'
3 non-polymer 'alpha-D-glucopyranuronic acid'
4 non-polymer 'UNKNOWN LIGAND'
5 water water
#
_entity_poly.entity_id   1
_entity_poly.type   'polypeptide(L)'
_entity_poly.pdbx_seq_one_letter_code
;ALLLQEAQAGFCRVDGTIDNNHTGFTGSGFANTNNAQGAAVVWAIDATSSGRRTLTIRYANGGTANRNGSLVINGGSNGN
YTVSLPTTGAWTTWQTATIDVDLVQGNNIVQLSATTAEGLPNIDSLSVVGGTVRAGNCG
;
_entity_poly.pdbx_strand_id   A,B
#
loop_
_chem_comp.id
_chem_comp.type
_chem_comp.name
_chem_comp.formula
CA non-polymer 'CALCIUM ION' 'Ca 2'
GCU D-saccharide, alpha linking 'alpha-D-glucopyranuronic acid' 'C6 H10 O7'
UNL non-polymer 'UNKNOWN LIGAND' ?
#
# COMPACT_ATOMS: atom_id res chain seq x y z
N ALA A 1 8.56 23.19 1.31
CA ALA A 1 8.53 21.76 1.77
C ALA A 1 8.90 21.66 3.24
N LEU A 2 8.06 20.97 3.99
CA LEU A 2 8.30 20.70 5.38
C LEU A 2 9.14 19.41 5.47
N LEU A 3 10.33 19.50 6.05
CA LEU A 3 11.21 18.35 6.17
C LEU A 3 11.31 17.96 7.64
N LEU A 4 10.73 16.82 7.96
CA LEU A 4 10.65 16.36 9.35
C LEU A 4 11.72 15.32 9.63
N GLN A 5 12.56 15.69 10.57
CA GLN A 5 13.64 14.85 11.08
C GLN A 5 13.32 14.41 12.53
N GLU A 6 13.84 13.24 12.91
CA GLU A 6 13.98 12.87 14.30
C GLU A 6 14.52 14.05 15.12
N ALA A 7 14.06 14.14 16.37
CA ALA A 7 14.59 15.10 17.32
C ALA A 7 14.26 16.53 16.93
N GLN A 8 13.20 16.71 16.14
CA GLN A 8 12.72 18.05 15.75
C GLN A 8 11.18 18.08 15.82
N ALA A 9 10.60 19.28 15.89
CA ALA A 9 9.16 19.44 15.98
C ALA A 9 8.50 18.73 14.83
N GLY A 10 7.44 17.98 15.15
CA GLY A 10 6.71 17.23 14.12
C GLY A 10 7.07 15.75 14.13
N PHE A 11 8.17 15.39 14.77
CA PHE A 11 8.51 13.96 14.94
C PHE A 11 7.92 13.53 16.28
N CYS A 12 7.08 12.51 16.26
CA CYS A 12 6.35 12.13 17.46
C CYS A 12 6.88 10.90 18.19
N ARG A 13 7.18 9.84 17.45
CA ARG A 13 7.47 8.57 18.08
C ARG A 13 8.08 7.60 17.11
N VAL A 14 8.95 6.75 17.63
CA VAL A 14 9.35 5.50 16.95
C VAL A 14 9.22 4.35 17.96
N ASP A 15 8.57 3.27 17.51
CA ASP A 15 8.59 2.02 18.27
C ASP A 15 9.88 1.32 17.94
N GLY A 16 10.90 1.63 18.72
CA GLY A 16 12.28 1.27 18.37
C GLY A 16 13.23 2.34 18.89
N THR A 17 14.23 2.72 18.10
CA THR A 17 15.22 3.69 18.53
C THR A 17 15.49 4.69 17.43
N ILE A 18 16.10 5.81 17.82
CA ILE A 18 16.74 6.70 16.88
C ILE A 18 18.24 6.39 16.85
N ASP A 19 18.73 6.02 15.67
CA ASP A 19 20.08 5.52 15.51
C ASP A 19 20.84 6.38 14.52
N ASN A 20 22.16 6.17 14.49
CA ASN A 20 23.05 6.91 13.60
C ASN A 20 24.29 6.12 13.22
N ASN A 21 24.20 4.79 13.28
CA ASN A 21 25.36 3.91 13.06
C ASN A 21 25.50 3.38 11.63
N HIS A 22 24.75 3.95 10.71
CA HIS A 22 24.97 3.71 9.28
C HIS A 22 25.03 5.07 8.61
N THR A 23 25.99 5.27 7.71
CA THR A 23 26.14 6.57 7.09
C THR A 23 25.01 6.86 6.11
N GLY A 24 24.83 8.14 5.82
CA GLY A 24 24.03 8.60 4.67
C GLY A 24 22.70 9.25 5.03
N PHE A 25 22.36 9.24 6.31
CA PHE A 25 21.14 9.87 6.81
C PHE A 25 21.36 11.39 6.83
N THR A 26 20.28 12.12 7.11
CA THR A 26 20.30 13.56 7.25
C THR A 26 19.74 13.87 8.64
N GLY A 27 19.96 15.08 9.15
CA GLY A 27 19.63 15.34 10.55
C GLY A 27 20.54 14.57 11.49
N SER A 28 20.07 14.28 12.70
CA SER A 28 20.91 13.63 13.68
C SER A 28 20.88 12.09 13.61
N GLY A 29 20.06 11.54 12.71
CA GLY A 29 20.00 10.09 12.58
C GLY A 29 18.83 9.58 11.74
N PHE A 30 18.31 8.43 12.14
CA PHE A 30 17.19 7.80 11.45
C PHE A 30 16.41 6.97 12.46
N ALA A 31 15.14 6.76 12.17
CA ALA A 31 14.29 5.96 13.05
C ALA A 31 14.47 4.48 12.66
N ASN A 32 14.77 3.66 13.67
CA ASN A 32 14.96 2.24 13.49
C ASN A 32 13.88 1.47 14.27
N THR A 33 12.85 0.99 13.59
CA THR A 33 11.78 0.26 14.26
C THR A 33 12.25 -1.09 14.81
N ASN A 34 11.67 -1.48 15.94
CA ASN A 34 11.62 -2.86 16.33
C ASN A 34 11.31 -3.73 15.14
N ASN A 35 11.86 -4.94 15.12
CA ASN A 35 11.56 -5.90 14.06
CA ASN A 35 11.54 -5.89 14.05
C ASN A 35 10.31 -6.70 14.43
N ALA A 36 9.17 -6.08 14.22
CA ALA A 36 7.87 -6.62 14.55
C ALA A 36 6.82 -5.98 13.66
N GLN A 37 5.81 -6.76 13.32
CA GLN A 37 4.71 -6.24 12.57
C GLN A 37 4.02 -5.15 13.40
N GLY A 38 3.65 -4.07 12.74
CA GLY A 38 2.97 -2.97 13.38
C GLY A 38 3.89 -1.92 13.97
N ALA A 39 5.17 -2.22 14.13
CA ALA A 39 6.10 -1.22 14.66
C ALA A 39 6.07 0.04 13.76
N ALA A 40 5.97 1.21 14.38
CA ALA A 40 5.68 2.44 13.67
C ALA A 40 6.67 3.58 13.87
N VAL A 41 6.62 4.50 12.91
CA VAL A 41 7.20 5.83 13.04
C VAL A 41 6.05 6.77 12.90
N VAL A 42 6.00 7.80 13.76
CA VAL A 42 4.86 8.72 13.80
C VAL A 42 5.31 10.18 13.74
N TRP A 43 4.64 10.93 12.86
CA TRP A 43 4.83 12.37 12.70
C TRP A 43 3.50 13.08 12.86
N ALA A 44 3.58 14.39 13.02
CA ALA A 44 2.38 15.22 13.13
C ALA A 44 2.54 16.45 12.26
N ILE A 45 1.54 16.71 11.42
CA ILE A 45 1.58 17.83 10.48
C ILE A 45 0.32 18.67 10.66
N ASP A 46 0.49 19.99 10.80
CA ASP A 46 -0.65 20.88 10.83
C ASP A 46 -0.80 21.47 9.44
N ALA A 47 -2.01 21.39 8.88
CA ALA A 47 -2.31 21.89 7.55
C ALA A 47 -3.33 23.01 7.66
N THR A 48 -3.08 24.16 7.04
CA THR A 48 -4.01 25.28 7.21
C THR A 48 -5.29 25.01 6.43
N SER A 49 -5.23 24.19 5.39
CA SER A 49 -6.38 23.82 4.59
C SER A 49 -6.30 22.35 4.22
N SER A 50 -7.44 21.71 4.03
CA SER A 50 -7.42 20.31 3.61
C SER A 50 -6.94 20.25 2.16
N GLY A 51 -6.36 19.13 1.76
CA GLY A 51 -5.92 18.97 0.38
C GLY A 51 -4.79 18.00 0.23
N ARG A 52 -4.49 17.71 -1.04
CA ARG A 52 -3.52 16.68 -1.39
C ARG A 52 -2.12 17.19 -1.11
N ARG A 53 -1.33 16.38 -0.42
CA ARG A 53 0.09 16.64 -0.24
C ARG A 53 0.85 15.46 -0.80
N THR A 54 2.07 15.72 -1.21
CA THR A 54 3.01 14.65 -1.57
C THR A 54 3.93 14.41 -0.40
N LEU A 55 3.94 13.17 0.07
CA LEU A 55 4.81 12.75 1.16
C LEU A 55 5.97 12.00 0.54
N THR A 56 7.19 12.36 0.93
CA THR A 56 8.37 11.67 0.45
C THR A 56 9.10 11.11 1.68
N ILE A 57 9.23 9.79 1.72
CA ILE A 57 9.89 9.09 2.82
C ILE A 57 11.24 8.61 2.36
N ARG A 58 12.29 9.05 3.04
CA ARG A 58 13.65 8.62 2.72
C ARG A 58 14.04 7.48 3.66
N TYR A 59 14.56 6.40 3.10
CA TYR A 59 14.71 5.16 3.87
C TYR A 59 15.87 4.32 3.36
N ALA A 60 16.33 3.40 4.20
CA ALA A 60 17.33 2.41 3.83
C ALA A 60 16.80 1.06 4.22
N ASN A 61 16.95 0.06 3.35
CA ASN A 61 16.48 -1.29 3.62
C ASN A 61 17.57 -2.24 3.16
N GLY A 62 18.42 -2.65 4.10
CA GLY A 62 19.53 -3.57 3.82
C GLY A 62 19.13 -5.02 4.03
N GLY A 63 17.83 -5.25 4.22
CA GLY A 63 17.31 -6.61 4.36
C GLY A 63 17.12 -7.21 3.00
N THR A 64 16.58 -8.42 2.95
CA THR A 64 16.44 -9.17 1.71
C THR A 64 15.06 -9.09 1.06
N ALA A 65 14.11 -8.43 1.72
CA ALA A 65 12.73 -8.40 1.29
C ALA A 65 12.17 -6.98 1.44
N ASN A 66 11.11 -6.68 0.69
CA ASN A 66 10.33 -5.47 0.94
C ASN A 66 9.91 -5.46 2.40
N ARG A 67 9.85 -4.26 2.96
CA ARG A 67 9.31 -4.04 4.29
C ARG A 67 8.22 -2.96 4.16
N ASN A 68 7.17 -3.28 3.41
CA ASN A 68 6.12 -2.31 3.12
C ASN A 68 5.49 -1.80 4.41
N GLY A 69 4.96 -0.60 4.32
CA GLY A 69 4.29 0.04 5.42
C GLY A 69 2.84 0.40 5.12
N SER A 70 2.08 0.46 6.19
CA SER A 70 0.74 1.02 6.16
CA SER A 70 0.73 1.02 6.18
C SER A 70 0.89 2.44 6.66
N LEU A 71 0.28 3.40 5.97
CA LEU A 71 0.39 4.78 6.41
C LEU A 71 -1.02 5.27 6.68
N VAL A 72 -1.29 5.68 7.91
CA VAL A 72 -2.65 6.10 8.30
CA VAL A 72 -2.62 6.09 8.31
C VAL A 72 -2.61 7.52 8.84
N ILE A 73 -3.68 8.26 8.60
CA ILE A 73 -3.80 9.62 9.09
C ILE A 73 -4.84 9.62 10.20
N ASN A 74 -4.48 10.15 11.35
CA ASN A 74 -5.37 10.20 12.50
C ASN A 74 -5.98 8.84 12.87
N GLY A 75 -5.11 7.84 12.97
CA GLY A 75 -5.49 6.53 13.48
C GLY A 75 -6.45 5.87 12.53
N GLY A 76 -6.38 6.25 11.25
CA GLY A 76 -7.20 5.60 10.24
C GLY A 76 -8.51 6.30 9.99
N SER A 77 -8.89 7.23 10.87
CA SER A 77 -10.10 8.00 10.69
C SER A 77 -10.05 8.90 9.47
N ASN A 78 -8.86 9.37 9.10
CA ASN A 78 -8.71 10.28 7.98
C ASN A 78 -7.87 9.72 6.82
N GLY A 79 -7.68 8.41 6.74
CA GLY A 79 -7.02 7.85 5.55
C GLY A 79 -6.10 6.70 5.84
N ASN A 80 -6.13 5.69 4.96
CA ASN A 80 -5.33 4.48 5.05
C ASN A 80 -4.63 4.19 3.72
N TYR A 81 -3.30 4.21 3.73
CA TYR A 81 -2.52 4.15 2.50
C TYR A 81 -1.48 3.06 2.62
N THR A 82 -0.94 2.66 1.48
CA THR A 82 0.10 1.64 1.45
C THR A 82 1.37 2.28 0.91
N VAL A 83 2.53 1.98 1.52
CA VAL A 83 3.80 2.53 1.08
C VAL A 83 4.73 1.36 0.77
N SER A 84 5.19 1.29 -0.47
CA SER A 84 6.08 0.20 -0.89
C SER A 84 7.50 0.57 -0.56
N LEU A 85 8.21 -0.34 0.10
CA LEU A 85 9.55 -0.09 0.62
C LEU A 85 10.47 -1.28 0.28
N PRO A 86 10.88 -1.37 -0.98
CA PRO A 86 11.77 -2.42 -1.43
C PRO A 86 13.18 -2.31 -0.88
N THR A 87 13.96 -3.36 -1.03
CA THR A 87 15.34 -3.29 -0.57
CA THR A 87 15.36 -3.32 -0.59
C THR A 87 16.09 -2.17 -1.29
N THR A 88 17.04 -1.55 -0.58
CA THR A 88 17.92 -0.54 -1.18
C THR A 88 19.32 -1.09 -1.44
N GLY A 89 19.57 -2.31 -0.97
CA GLY A 89 20.84 -3.00 -1.21
C GLY A 89 21.87 -2.92 -0.09
N ALA A 90 21.65 -2.04 0.88
CA ALA A 90 22.55 -1.87 2.00
C ALA A 90 21.92 -0.91 3.00
N TRP A 91 22.31 -1.00 4.27
CA TRP A 91 21.82 -0.07 5.27
C TRP A 91 22.39 1.34 5.10
N THR A 92 23.39 1.46 4.23
CA THR A 92 24.01 2.74 3.93
C THR A 92 23.51 3.36 2.62
N THR A 93 22.60 2.69 1.92
CA THR A 93 22.03 3.16 0.66
C THR A 93 20.60 3.58 0.95
N TRP A 94 20.34 4.85 0.67
CA TRP A 94 19.07 5.47 0.95
C TRP A 94 18.34 5.74 -0.34
N GLN A 95 17.03 5.54 -0.31
CA GLN A 95 16.17 5.84 -1.45
C GLN A 95 14.92 6.56 -0.91
N THR A 96 14.04 6.97 -1.80
CA THR A 96 12.78 7.53 -1.38
C THR A 96 11.60 6.74 -1.89
N ALA A 97 10.52 6.82 -1.13
CA ALA A 97 9.23 6.36 -1.58
C ALA A 97 8.32 7.58 -1.52
N THR A 98 7.41 7.71 -2.48
CA THR A 98 6.53 8.88 -2.47
C THR A 98 5.09 8.42 -2.59
N ILE A 99 4.23 9.07 -1.81
CA ILE A 99 2.81 8.81 -1.86
C ILE A 99 2.06 10.15 -1.75
N ASP A 100 1.01 10.30 -2.55
CA ASP A 100 0.13 11.44 -2.38
C ASP A 100 -0.97 11.09 -1.38
N VAL A 101 -1.28 12.02 -0.49
CA VAL A 101 -2.25 11.77 0.56
C VAL A 101 -3.08 13.02 0.73
N ASP A 102 -4.29 12.84 1.24
CA ASP A 102 -5.16 13.98 1.50
C ASP A 102 -5.09 14.27 2.98
N LEU A 103 -4.51 15.39 3.31
CA LEU A 103 -4.48 15.87 4.69
C LEU A 103 -5.75 16.63 5.01
N VAL A 104 -6.19 16.54 6.25
CA VAL A 104 -7.33 17.31 6.73
C VAL A 104 -6.86 18.67 7.24
N GLN A 105 -7.74 19.65 7.22
CA GLN A 105 -7.44 20.94 7.82
C GLN A 105 -7.13 20.69 9.31
N GLY A 106 -6.08 21.29 9.83
CA GLY A 106 -5.70 21.06 11.22
C GLY A 106 -4.68 19.97 11.41
N ASN A 107 -4.81 19.20 12.48
CA ASN A 107 -3.78 18.26 12.87
C ASN A 107 -3.92 16.95 12.13
N ASN A 108 -2.79 16.44 11.64
CA ASN A 108 -2.72 15.16 10.96
C ASN A 108 -1.59 14.37 11.58
N ILE A 109 -1.93 13.36 12.39
CA ILE A 109 -0.96 12.45 12.94
C ILE A 109 -0.78 11.33 11.92
N VAL A 110 0.41 11.25 11.37
CA VAL A 110 0.75 10.31 10.33
C VAL A 110 1.55 9.15 10.92
N GLN A 111 0.99 7.95 10.89
CA GLN A 111 1.64 6.76 11.44
C GLN A 111 1.98 5.81 10.30
N LEU A 112 3.28 5.56 10.13
CA LEU A 112 3.75 4.57 9.19
C LEU A 112 4.13 3.31 10.00
N SER A 113 3.44 2.20 9.74
CA SER A 113 3.60 0.98 10.51
CA SER A 113 3.64 0.99 10.50
C SER A 113 4.01 -0.19 9.62
N ALA A 114 4.89 -1.05 10.14
CA ALA A 114 5.35 -2.21 9.42
C ALA A 114 4.22 -3.19 9.11
N THR A 115 4.16 -3.69 7.88
CA THR A 115 3.21 -4.74 7.53
C THR A 115 3.76 -6.15 7.70
N THR A 116 5.07 -6.30 7.83
CA THR A 116 5.73 -7.60 7.99
C THR A 116 6.46 -7.68 9.33
N ALA A 117 6.85 -8.90 9.72
CA ALA A 117 7.51 -9.15 11.00
C ALA A 117 8.90 -8.57 11.09
N GLU A 118 9.45 -8.11 9.96
CA GLU A 118 10.79 -7.50 9.96
CA GLU A 118 10.79 -7.51 9.97
C GLU A 118 10.75 -6.04 10.43
N GLY A 119 9.56 -5.49 10.58
CA GLY A 119 9.45 -4.08 10.92
C GLY A 119 9.61 -3.24 9.67
N LEU A 120 9.88 -1.95 9.85
CA LEU A 120 10.11 -1.06 8.74
C LEU A 120 11.57 -1.06 8.29
N PRO A 121 11.84 -0.45 7.12
CA PRO A 121 13.22 -0.08 6.87
C PRO A 121 13.62 1.00 7.88
N ASN A 122 14.89 1.38 7.88
CA ASN A 122 15.31 2.55 8.65
C ASN A 122 14.80 3.80 7.94
N ILE A 123 14.19 4.73 8.68
CA ILE A 123 13.53 5.90 8.09
C ILE A 123 14.29 7.16 8.43
N ASP A 124 14.81 7.81 7.40
CA ASP A 124 15.64 9.01 7.63
C ASP A 124 14.82 10.25 7.89
N SER A 125 13.79 10.44 7.08
CA SER A 125 13.01 11.64 7.12
C SER A 125 11.68 11.50 6.38
N LEU A 126 10.79 12.46 6.67
CA LEU A 126 9.54 12.62 5.94
C LEU A 126 9.51 14.05 5.42
N SER A 127 9.33 14.20 4.12
CA SER A 127 9.19 15.52 3.49
C SER A 127 7.75 15.66 3.04
N VAL A 128 7.16 16.84 3.23
CA VAL A 128 5.76 17.08 2.95
C VAL A 128 5.64 18.33 2.08
N VAL A 129 4.99 18.19 0.94
CA VAL A 129 4.78 19.34 0.05
C VAL A 129 3.31 19.51 -0.34
N GLY A 130 2.81 20.73 -0.30
CA GLY A 130 1.42 21.00 -0.63
C GLY A 130 0.79 22.01 0.30
N GLY A 131 0.42 23.18 -0.22
CA GLY A 131 -0.25 24.15 0.61
C GLY A 131 0.64 24.62 1.74
N THR A 132 0.03 24.98 2.87
CA THR A 132 0.78 25.51 4.00
C THR A 132 0.74 24.48 5.11
N VAL A 133 1.90 23.94 5.45
CA VAL A 133 2.01 22.88 6.42
C VAL A 133 3.16 23.19 7.38
N ARG A 134 2.99 22.82 8.62
CA ARG A 134 4.05 22.97 9.61
C ARG A 134 3.94 21.82 10.59
N ALA A 135 4.86 21.78 11.55
CA ALA A 135 4.82 20.77 12.58
C ALA A 135 3.53 20.83 13.36
N GLY A 136 2.92 19.67 13.53
CA GLY A 136 1.69 19.53 14.29
C GLY A 136 1.90 19.05 15.72
N ASN A 137 0.82 18.55 16.29
CA ASN A 137 0.76 18.14 17.69
C ASN A 137 0.76 16.63 17.82
N CYS A 138 1.63 16.10 18.68
CA CYS A 138 1.70 14.65 18.81
C CYS A 138 0.49 13.99 19.48
N GLY A 139 -0.34 14.74 20.16
CA GLY A 139 -1.59 14.19 20.69
N ALA B 1 -8.78 -22.61 -0.85
CA ALA B 1 -8.73 -21.25 -1.46
C ALA B 1 -7.95 -20.29 -0.59
N LEU B 2 -6.93 -19.70 -1.19
CA LEU B 2 -6.19 -18.62 -0.55
C LEU B 2 -7.04 -17.37 -0.73
N LEU B 3 -7.41 -16.71 0.36
CA LEU B 3 -8.24 -15.51 0.29
C LEU B 3 -7.44 -14.32 0.80
N LEU B 4 -7.08 -13.43 -0.11
CA LEU B 4 -6.22 -12.27 0.18
C LEU B 4 -7.03 -11.01 0.38
N GLN B 5 -6.88 -10.46 1.57
CA GLN B 5 -7.51 -9.22 1.98
C GLN B 5 -6.48 -8.10 2.16
N GLU B 6 -6.92 -6.85 2.01
CA GLU B 6 -6.15 -5.73 2.47
C GLU B 6 -5.62 -5.96 3.89
N ALA B 7 -4.42 -5.43 4.15
CA ALA B 7 -3.82 -5.46 5.47
C ALA B 7 -3.54 -6.85 5.99
N GLN B 8 -3.30 -7.76 5.05
CA GLN B 8 -2.91 -9.13 5.37
C GLN B 8 -1.77 -9.56 4.45
N ALA B 9 -1.08 -10.64 4.80
CA ALA B 9 0.03 -11.13 4.01
C ALA B 9 -0.48 -11.43 2.61
N GLY B 10 0.30 -11.03 1.61
CA GLY B 10 -0.09 -11.22 0.23
C GLY B 10 -0.67 -9.98 -0.42
N PHE B 11 -1.09 -8.98 0.36
CA PHE B 11 -1.56 -7.72 -0.18
C PHE B 11 -0.42 -6.74 -0.25
N CYS B 12 -0.11 -6.20 -1.43
CA CYS B 12 1.10 -5.42 -1.62
C CYS B 12 0.88 -3.92 -1.70
N ARG B 13 -0.11 -3.48 -2.44
CA ARG B 13 -0.21 -2.07 -2.71
C ARG B 13 -1.56 -1.75 -3.28
N VAL B 14 -2.05 -0.54 -2.98
CA VAL B 14 -3.13 0.09 -3.76
C VAL B 14 -2.70 1.51 -4.12
N ASP B 15 -2.91 1.88 -5.37
CA ASP B 15 -2.75 3.27 -5.78
C ASP B 15 -4.05 3.99 -5.47
N GLY B 16 -4.13 4.53 -4.25
CA GLY B 16 -5.38 5.03 -3.68
C GLY B 16 -5.39 4.75 -2.17
N THR B 17 -6.51 4.33 -1.64
CA THR B 17 -6.65 4.10 -0.21
C THR B 17 -7.33 2.76 0.09
N ILE B 18 -7.19 2.31 1.34
CA ILE B 18 -8.02 1.24 1.88
C ILE B 18 -9.14 1.92 2.66
N ASP B 19 -10.37 1.65 2.25
CA ASP B 19 -11.56 2.30 2.79
C ASP B 19 -12.49 1.28 3.40
N ASN B 20 -13.43 1.78 4.19
CA ASN B 20 -14.44 0.93 4.81
C ASN B 20 -15.79 1.62 4.99
N ASN B 21 -16.05 2.64 4.18
CA ASN B 21 -17.24 3.49 4.32
C ASN B 21 -18.43 3.06 3.48
N HIS B 22 -18.40 1.86 2.94
CA HIS B 22 -19.54 1.24 2.27
C HIS B 22 -19.70 -0.15 2.84
N THR B 23 -20.92 -0.53 3.22
CA THR B 23 -21.09 -1.85 3.80
C THR B 23 -20.88 -2.97 2.78
N GLY B 24 -20.65 -4.19 3.28
CA GLY B 24 -20.72 -5.41 2.46
C GLY B 24 -19.37 -6.05 2.11
N PHE B 25 -18.27 -5.36 2.44
CA PHE B 25 -16.92 -5.91 2.26
C PHE B 25 -16.62 -6.99 3.30
N THR B 26 -15.49 -7.67 3.11
CA THR B 26 -15.00 -8.68 4.04
C THR B 26 -13.63 -8.23 4.48
N GLY B 27 -13.15 -8.75 5.62
CA GLY B 27 -11.86 -8.28 6.14
C GLY B 27 -12.05 -6.88 6.71
N SER B 28 -10.99 -6.08 6.75
CA SER B 28 -11.05 -4.77 7.36
C SER B 28 -11.53 -3.67 6.40
N GLY B 29 -11.71 -3.99 5.12
CA GLY B 29 -12.16 -2.99 4.17
C GLY B 29 -12.05 -3.41 2.70
N PHE B 30 -11.77 -2.43 1.87
CA PHE B 30 -11.58 -2.66 0.45
C PHE B 30 -10.60 -1.67 -0.12
N ALA B 31 -9.98 -2.03 -1.23
CA ALA B 31 -9.07 -1.14 -1.93
C ALA B 31 -9.87 -0.25 -2.86
N ASN B 32 -9.65 1.05 -2.70
CA ASN B 32 -10.27 2.10 -3.48
C ASN B 32 -9.21 2.81 -4.30
N THR B 33 -9.07 2.45 -5.59
CA THR B 33 -8.07 3.13 -6.42
C THR B 33 -8.43 4.59 -6.62
N ASN B 34 -7.38 5.39 -6.76
CA ASN B 34 -7.42 6.66 -7.45
C ASN B 34 -8.23 6.50 -8.73
N ASN B 35 -8.96 7.55 -9.08
CA ASN B 35 -9.73 7.57 -10.31
CA ASN B 35 -9.72 7.54 -10.33
C ASN B 35 -8.86 8.04 -11.47
N ALA B 36 -8.03 7.14 -11.95
CA ALA B 36 -7.07 7.37 -13.01
C ALA B 36 -6.74 6.05 -13.71
N GLN B 37 -6.46 6.14 -14.99
CA GLN B 37 -6.09 4.98 -15.76
C GLN B 37 -4.78 4.46 -15.20
N GLY B 38 -4.64 3.14 -15.09
CA GLY B 38 -3.41 2.56 -14.63
C GLY B 38 -3.40 2.30 -13.12
N ALA B 39 -4.25 3.01 -12.39
CA ALA B 39 -4.30 2.81 -10.92
C ALA B 39 -4.55 1.34 -10.60
N ALA B 40 -3.76 0.79 -9.66
CA ALA B 40 -3.68 -0.66 -9.45
C ALA B 40 -3.91 -1.11 -8.04
N VAL B 41 -4.22 -2.39 -7.94
CA VAL B 41 -4.18 -3.13 -6.69
C VAL B 41 -3.21 -4.25 -6.99
N VAL B 42 -2.35 -4.54 -6.04
CA VAL B 42 -1.29 -5.53 -6.25
C VAL B 42 -1.26 -6.54 -5.10
N TRP B 43 -1.11 -7.81 -5.48
CA TRP B 43 -0.99 -8.91 -4.55
C TRP B 43 0.23 -9.76 -4.93
N ALA B 44 0.65 -10.60 -4.00
CA ALA B 44 1.74 -11.53 -4.26
C ALA B 44 1.34 -12.93 -3.84
N ILE B 45 1.58 -13.91 -4.72
CA ILE B 45 1.16 -15.29 -4.50
C ILE B 45 2.33 -16.20 -4.74
N ASP B 46 2.64 -17.09 -3.79
CA ASP B 46 3.67 -18.10 -4.00
C ASP B 46 3.00 -19.39 -4.44
N ALA B 47 3.42 -19.91 -5.59
CA ALA B 47 2.86 -21.15 -6.16
C ALA B 47 3.89 -22.26 -6.04
N THR B 48 3.52 -23.42 -5.52
CA THR B 48 4.52 -24.47 -5.36
C THR B 48 4.98 -24.99 -6.71
N SER B 49 4.07 -25.06 -7.68
CA SER B 49 4.42 -25.40 -9.07
C SER B 49 3.68 -24.47 -10.01
N SER B 50 4.11 -24.44 -11.26
CA SER B 50 3.39 -23.67 -12.28
C SER B 50 2.02 -24.28 -12.48
N GLY B 51 1.06 -23.50 -12.92
CA GLY B 51 -0.25 -24.09 -13.17
C GLY B 51 -1.34 -23.07 -13.26
N ARG B 52 -2.41 -23.47 -13.95
CA ARG B 52 -3.62 -22.66 -14.04
C ARG B 52 -4.26 -22.50 -12.66
N ARG B 53 -4.58 -21.26 -12.30
CA ARG B 53 -5.34 -20.99 -11.09
C ARG B 53 -6.61 -20.24 -11.48
N THR B 54 -7.66 -20.42 -10.71
CA THR B 54 -8.83 -19.57 -10.85
C THR B 54 -8.74 -18.44 -9.82
N LEU B 55 -8.75 -17.20 -10.33
CA LEU B 55 -8.75 -16.00 -9.50
C LEU B 55 -10.18 -15.45 -9.44
N THR B 56 -10.64 -15.12 -8.25
CA THR B 56 -11.96 -14.59 -8.08
C THR B 56 -11.78 -13.26 -7.37
N ILE B 57 -12.21 -12.18 -8.04
CA ILE B 57 -12.11 -10.82 -7.53
C ILE B 57 -13.49 -10.35 -7.11
N ARG B 58 -13.63 -10.04 -5.82
CA ARG B 58 -14.88 -9.55 -5.31
C ARG B 58 -14.81 -8.03 -5.31
N TYR B 59 -15.84 -7.39 -5.88
CA TYR B 59 -15.77 -5.94 -6.14
C TYR B 59 -17.14 -5.27 -6.08
N ALA B 60 -17.14 -3.95 -5.91
CA ALA B 60 -18.37 -3.17 -5.98
C ALA B 60 -18.11 -2.06 -7.00
N ASN B 61 -19.06 -1.83 -7.88
CA ASN B 61 -18.95 -0.79 -8.90
C ASN B 61 -20.25 0.00 -8.95
N GLY B 62 -20.29 1.06 -8.17
CA GLY B 62 -21.45 1.96 -8.10
C GLY B 62 -21.43 3.06 -9.13
N GLY B 63 -20.54 2.94 -10.10
CA GLY B 63 -20.45 3.89 -11.18
C GLY B 63 -21.45 3.58 -12.25
N THR B 64 -21.29 4.25 -13.38
CA THR B 64 -22.21 4.18 -14.49
C THR B 64 -21.67 3.38 -15.66
N ALA B 65 -20.48 2.79 -15.52
CA ALA B 65 -19.80 2.09 -16.61
C ALA B 65 -18.93 0.96 -16.08
N ASN B 66 -18.66 -0.02 -16.94
CA ASN B 66 -17.57 -0.99 -16.66
C ASN B 66 -16.30 -0.26 -16.28
N ARG B 67 -15.55 -0.85 -15.36
CA ARG B 67 -14.22 -0.36 -15.02
C ARG B 67 -13.26 -1.55 -15.18
N ASN B 68 -13.14 -2.06 -16.41
CA ASN B 68 -12.38 -3.29 -16.64
C ASN B 68 -10.96 -3.08 -16.19
N GLY B 69 -10.30 -4.18 -15.87
CA GLY B 69 -8.93 -4.15 -15.44
C GLY B 69 -8.05 -4.99 -16.32
N SER B 70 -6.78 -4.62 -16.34
CA SER B 70 -5.74 -5.42 -16.93
CA SER B 70 -5.74 -5.43 -16.94
C SER B 70 -5.08 -6.14 -15.78
N LEU B 71 -4.88 -7.45 -15.90
CA LEU B 71 -4.28 -8.19 -14.81
C LEU B 71 -3.01 -8.79 -15.38
N VAL B 72 -1.88 -8.41 -14.78
CA VAL B 72 -0.58 -8.85 -15.25
CA VAL B 72 -0.57 -8.89 -15.26
C VAL B 72 0.13 -9.65 -14.15
N ILE B 73 0.86 -10.70 -14.55
CA ILE B 73 1.64 -11.54 -13.65
C ILE B 73 3.11 -11.21 -13.85
N ASN B 74 3.78 -10.85 -12.77
CA ASN B 74 5.20 -10.47 -12.82
C ASN B 74 5.57 -9.42 -13.86
N GLY B 75 4.88 -8.28 -13.80
CA GLY B 75 5.17 -7.12 -14.66
C GLY B 75 4.95 -7.37 -16.12
N GLY B 76 4.14 -8.39 -16.44
CA GLY B 76 3.79 -8.69 -17.83
C GLY B 76 4.72 -9.67 -18.51
N SER B 77 5.78 -10.06 -17.80
N SER B 77 5.79 -10.05 -17.81
CA SER B 77 6.71 -11.06 -18.30
CA SER B 77 6.71 -11.06 -18.29
C SER B 77 6.13 -12.48 -18.21
C SER B 77 6.05 -12.45 -18.27
N ASN B 78 5.19 -12.70 -17.27
CA ASN B 78 4.51 -13.99 -17.13
C ASN B 78 2.99 -14.01 -17.43
N GLY B 79 2.44 -12.94 -18.03
CA GLY B 79 1.06 -13.02 -18.52
C GLY B 79 0.25 -11.75 -18.41
N ASN B 80 -0.61 -11.52 -19.41
CA ASN B 80 -1.45 -10.34 -19.50
C ASN B 80 -2.89 -10.74 -19.80
N TYR B 81 -3.79 -10.40 -18.88
CA TYR B 81 -5.16 -10.88 -18.89
C TYR B 81 -6.09 -9.68 -18.79
N THR B 82 -7.33 -9.91 -19.16
CA THR B 82 -8.37 -8.87 -19.12
C THR B 82 -9.42 -9.30 -18.13
N VAL B 83 -9.82 -8.40 -17.21
CA VAL B 83 -10.84 -8.71 -16.21
C VAL B 83 -12.02 -7.78 -16.42
N SER B 84 -13.19 -8.34 -16.68
CA SER B 84 -14.41 -7.56 -16.89
C SER B 84 -15.04 -7.20 -15.58
N LEU B 85 -15.28 -5.91 -15.39
CA LEU B 85 -15.80 -5.38 -14.12
C LEU B 85 -17.01 -4.44 -14.31
N PRO B 86 -18.16 -5.02 -14.69
CA PRO B 86 -19.38 -4.24 -14.93
C PRO B 86 -19.94 -3.59 -13.67
N THR B 87 -20.89 -2.68 -13.82
CA THR B 87 -21.53 -2.06 -12.68
CA THR B 87 -21.52 -2.06 -12.68
C THR B 87 -22.22 -3.11 -11.85
N THR B 88 -22.24 -2.90 -10.54
CA THR B 88 -22.95 -3.78 -9.60
C THR B 88 -24.24 -3.13 -9.10
N GLY B 89 -24.42 -1.84 -9.37
CA GLY B 89 -25.65 -1.10 -9.04
C GLY B 89 -25.53 -0.15 -7.86
N ALA B 90 -24.49 -0.32 -7.06
CA ALA B 90 -24.30 0.47 -5.86
C ALA B 90 -22.95 0.15 -5.26
N TRP B 91 -22.42 1.10 -4.51
CA TRP B 91 -21.14 0.88 -3.84
C TRP B 91 -21.29 -0.13 -2.69
N THR B 92 -22.52 -0.48 -2.35
CA THR B 92 -22.80 -1.43 -1.30
C THR B 92 -23.15 -2.80 -1.84
N THR B 93 -23.19 -2.95 -3.17
CA THR B 93 -23.49 -4.24 -3.79
CA THR B 93 -23.51 -4.25 -3.77
C THR B 93 -22.23 -4.81 -4.36
N TRP B 94 -21.92 -6.04 -3.95
CA TRP B 94 -20.67 -6.70 -4.30
C TRP B 94 -20.96 -7.87 -5.22
N GLN B 95 -20.13 -8.01 -6.25
CA GLN B 95 -20.19 -9.21 -7.10
C GLN B 95 -18.77 -9.76 -7.29
N THR B 96 -18.65 -10.83 -8.06
CA THR B 96 -17.33 -11.39 -8.33
C THR B 96 -17.09 -11.49 -9.81
N ALA B 97 -15.82 -11.38 -10.17
CA ALA B 97 -15.35 -11.61 -11.55
C ALA B 97 -14.33 -12.74 -11.42
N THR B 98 -14.25 -13.58 -12.44
CA THR B 98 -13.36 -14.72 -12.35
C THR B 98 -12.57 -14.89 -13.62
N ILE B 99 -11.27 -15.09 -13.46
CA ILE B 99 -10.34 -15.23 -14.56
C ILE B 99 -9.42 -16.40 -14.19
N ASP B 100 -9.17 -17.27 -15.16
CA ASP B 100 -8.15 -18.30 -14.99
C ASP B 100 -6.82 -17.76 -15.49
N VAL B 101 -5.78 -17.94 -14.69
CA VAL B 101 -4.47 -17.43 -15.01
C VAL B 101 -3.46 -18.55 -14.79
N ASP B 102 -2.34 -18.47 -15.50
CA ASP B 102 -1.24 -19.40 -15.33
C ASP B 102 -0.23 -18.75 -14.40
N LEU B 103 -0.11 -19.27 -13.20
CA LEU B 103 0.96 -18.84 -12.28
C LEU B 103 2.23 -19.66 -12.55
N VAL B 104 3.37 -19.06 -12.24
CA VAL B 104 4.65 -19.75 -12.38
C VAL B 104 5.16 -20.24 -11.02
N GLN B 105 5.91 -21.35 -11.03
CA GLN B 105 6.54 -21.85 -9.83
C GLN B 105 7.25 -20.71 -9.10
N GLY B 106 7.00 -20.61 -7.80
CA GLY B 106 7.61 -19.56 -6.99
C GLY B 106 6.73 -18.33 -6.90
N ASN B 107 7.33 -17.15 -6.99
CA ASN B 107 6.62 -15.92 -6.63
C ASN B 107 5.93 -15.33 -7.83
N ASN B 108 4.71 -14.84 -7.61
CA ASN B 108 3.89 -14.23 -8.64
C ASN B 108 3.34 -12.91 -8.11
N ILE B 109 3.80 -11.79 -8.67
CA ILE B 109 3.23 -10.49 -8.35
C ILE B 109 2.08 -10.29 -9.32
N VAL B 110 0.87 -10.17 -8.77
CA VAL B 110 -0.35 -10.02 -9.57
C VAL B 110 -0.80 -8.56 -9.46
N GLN B 111 -0.82 -7.84 -10.57
CA GLN B 111 -1.21 -6.43 -10.61
C GLN B 111 -2.50 -6.25 -11.42
N LEU B 112 -3.54 -5.75 -10.78
CA LEU B 112 -4.83 -5.45 -11.44
C LEU B 112 -4.88 -3.92 -11.60
N SER B 113 -4.87 -3.45 -12.85
CA SER B 113 -4.76 -2.03 -13.16
CA SER B 113 -4.80 -2.02 -13.12
C SER B 113 -5.97 -1.53 -13.95
N ALA B 114 -6.36 -0.27 -13.69
CA ALA B 114 -7.53 0.32 -14.36
C ALA B 114 -7.25 0.50 -15.82
N THR B 115 -8.21 0.12 -16.66
CA THR B 115 -8.09 0.40 -18.08
C THR B 115 -8.72 1.76 -18.44
N THR B 116 -9.59 2.31 -17.58
CA THR B 116 -10.24 3.59 -17.84
C THR B 116 -9.85 4.67 -16.83
N ALA B 117 -10.21 5.91 -17.17
CA ALA B 117 -9.89 7.05 -16.33
C ALA B 117 -10.66 7.07 -15.02
N GLU B 118 -11.68 6.22 -14.89
CA GLU B 118 -12.40 6.14 -13.62
C GLU B 118 -11.66 5.32 -12.57
N GLY B 119 -10.56 4.68 -12.94
CA GLY B 119 -9.90 3.73 -12.05
C GLY B 119 -10.63 2.40 -12.01
N LEU B 120 -10.32 1.61 -10.99
CA LEU B 120 -10.99 0.32 -10.79
C LEU B 120 -12.29 0.48 -10.00
N PRO B 121 -13.11 -0.57 -9.94
CA PRO B 121 -14.13 -0.59 -8.93
C PRO B 121 -13.45 -0.71 -7.56
N ASN B 122 -14.23 -0.69 -6.49
CA ASN B 122 -13.69 -0.95 -5.17
C ASN B 122 -13.47 -2.46 -5.07
N ILE B 123 -12.28 -2.88 -4.61
CA ILE B 123 -11.87 -4.29 -4.66
C ILE B 123 -11.82 -4.83 -3.24
N ASP B 124 -12.71 -5.75 -2.94
CA ASP B 124 -12.79 -6.36 -1.62
C ASP B 124 -11.68 -7.37 -1.32
N SER B 125 -11.47 -8.29 -2.25
CA SER B 125 -10.60 -9.42 -2.01
C SER B 125 -10.22 -10.12 -3.28
N LEU B 126 -9.16 -10.93 -3.19
CA LEU B 126 -8.78 -11.84 -4.24
C LEU B 126 -8.72 -13.25 -3.68
N SER B 127 -9.45 -14.14 -4.32
CA SER B 127 -9.46 -15.57 -3.96
C SER B 127 -8.71 -16.33 -5.05
N VAL B 128 -7.88 -17.30 -4.64
CA VAL B 128 -6.99 -18.01 -5.56
C VAL B 128 -7.16 -19.50 -5.31
N VAL B 129 -7.56 -20.27 -6.32
CA VAL B 129 -7.67 -21.73 -6.16
C VAL B 129 -6.90 -22.44 -7.27
N GLY B 130 -6.19 -23.51 -6.92
CA GLY B 130 -5.46 -24.31 -7.90
C GLY B 130 -4.09 -24.71 -7.36
N GLY B 131 -3.81 -26.00 -7.36
CA GLY B 131 -2.53 -26.48 -6.85
C GLY B 131 -2.37 -26.00 -5.43
N THR B 132 -1.13 -25.72 -5.06
CA THR B 132 -0.80 -25.24 -3.73
C THR B 132 -0.31 -23.80 -3.87
N VAL B 133 -0.96 -22.90 -3.16
CA VAL B 133 -0.60 -21.48 -3.18
C VAL B 133 -0.59 -20.95 -1.76
N ARG B 134 0.22 -19.93 -1.55
CA ARG B 134 0.25 -19.22 -0.26
C ARG B 134 0.57 -17.76 -0.54
N ALA B 135 0.47 -16.91 0.48
CA ALA B 135 0.84 -15.52 0.32
C ALA B 135 2.28 -15.40 -0.14
N GLY B 136 2.54 -14.59 -1.15
CA GLY B 136 3.89 -14.41 -1.64
C GLY B 136 4.58 -13.19 -1.05
N ASN B 137 5.65 -12.79 -1.73
CA ASN B 137 6.46 -11.67 -1.30
C ASN B 137 6.29 -10.48 -2.22
N CYS B 138 6.06 -9.32 -1.63
CA CYS B 138 5.85 -8.12 -2.43
C CYS B 138 7.18 -7.71 -2.97
N GLY B 139 7.19 -7.04 -4.11
CA GLY B 139 8.45 -6.61 -4.73
CA CA C . 14.79 -2.37 12.62
CA CA D . 17.13 11.91 9.70
C1 GCU E . 20.46 -4.35 11.52
C2 GCU E . 20.73 -2.89 11.12
C3 GCU E . 19.63 -2.01 11.68
C4 GCU E . 18.31 -2.45 11.08
C5 GCU E . 18.11 -3.93 11.41
C6 GCU E . 16.83 -4.50 10.80
O1 GCU E . 20.44 -4.38 12.94
O2 GCU E . 21.99 -2.49 11.65
O3 GCU E . 19.88 -0.63 11.37
O4 GCU E . 17.20 -1.70 11.61
O5 GCU E . 19.19 -4.71 10.90
O6A GCU E . 15.80 -3.82 10.97
O6B GCU E . 16.87 -5.58 10.17
CAO UNL F . 20.43 -5.71 13.50
CAM UNL F . 19.61 -5.61 14.71
OAN UNL F . 18.26 -5.52 14.34
CAQ UNL F . 21.81 -6.15 13.97
OAR UNL F . 22.61 -6.38 12.82
CAS UNL F . 21.70 -7.45 14.77
OAT UNL F . 20.88 -7.22 15.92
C1 GCU G . -17.34 7.24 -4.60
C2 GCU G . -17.28 6.03 -3.69
C3 GCU G . -15.87 5.45 -3.63
C4 GCU G . -15.46 5.04 -5.05
C5 GCU G . -15.54 6.29 -5.92
C6 GCU G . -15.18 6.06 -7.39
O1 GCU G . -16.52 8.20 -3.96
O2 GCU G . -17.68 6.41 -2.38
O3 GCU G . -15.80 4.34 -2.76
O4 GCU G . -14.11 4.51 -5.07
O5 GCU G . -16.88 6.87 -5.93
O6A GCU G . -14.15 5.42 -7.62
O6B GCU G . -15.93 6.52 -8.28
CAO UNL H . -16.70 9.56 -4.43
CAM UNL H . -15.33 10.22 -4.30
OAN UNL H . -14.43 9.66 -5.26
CAQ UNL H . -17.77 10.27 -3.58
OAR UNL H . -19.03 9.62 -3.79
CAS UNL H . -17.92 11.74 -4.01
OAT UNL H . -16.63 12.37 -4.08
CA CA I . -12.00 4.98 -6.71
CA CA J . -11.64 -6.81 2.03
#